data_9FAB
#
_entry.id   9FAB
#
_cell.length_a   1.00
_cell.length_b   1.00
_cell.length_c   1.00
_cell.angle_alpha   90.00
_cell.angle_beta   90.00
_cell.angle_gamma   90.00
#
_symmetry.space_group_name_H-M   'P 1'
#
loop_
_entity.id
_entity.type
_entity.pdbx_description
1 polymer 'Monoclonal immunoglobulin light chains (LC)'
2 non-polymer 2-acetamido-2-deoxy-beta-D-glucopyranose
#
_entity_poly.entity_id   1
_entity_poly.type   'polypeptide(L)'
_entity_poly.pdbx_seq_one_letter_code
;SFELTQPSSVSVSPGQTANITCSGGYLGETYRSWYQQKPGQSPVLVIYQSSKRPSGIPGRFSGSNSGNTATLTISGTQPL
DEADYFCQAWDFTSVVFGGGTKLTVLGQPKAAPSVTLFPPSSEELQANKATL
;
_entity_poly.pdbx_strand_id   A,B,C,D,E
#
loop_
_chem_comp.id
_chem_comp.type
_chem_comp.name
_chem_comp.formula
NAG D-saccharide, beta linking 2-acetamido-2-deoxy-beta-D-glucopyranose 'C8 H15 N O6'
#
# COMPACT_ATOMS: atom_id res chain seq x y z
N SER A 1 54.99 -11.63 3.52
CA SER A 1 53.53 -11.88 3.51
C SER A 1 52.83 -11.02 2.47
N PHE A 2 51.89 -11.64 1.75
CA PHE A 2 51.13 -10.97 0.70
C PHE A 2 49.63 -11.19 0.87
N GLU A 3 48.85 -10.27 0.30
CA GLU A 3 47.39 -10.37 0.30
C GLU A 3 46.82 -10.22 -1.09
N LEU A 4 46.17 -11.29 -1.57
CA LEU A 4 45.48 -11.37 -2.85
C LEU A 4 44.01 -11.69 -2.59
N THR A 5 43.10 -10.81 -3.00
CA THR A 5 41.68 -11.06 -2.77
C THR A 5 40.83 -10.55 -3.94
N GLN A 6 39.91 -11.39 -4.41
CA GLN A 6 39.02 -11.04 -5.52
C GLN A 6 37.58 -11.48 -5.23
N PRO A 7 36.88 -10.72 -4.38
CA PRO A 7 35.48 -11.06 -4.04
C PRO A 7 34.47 -10.76 -5.15
N SER A 8 34.50 -11.53 -6.22
CA SER A 8 33.56 -11.32 -7.32
C SER A 8 32.14 -11.46 -6.79
N SER A 9 31.36 -10.38 -6.88
CA SER A 9 30.04 -10.30 -6.28
C SER A 9 28.96 -9.91 -7.28
N VAL A 10 28.17 -10.89 -7.69
CA VAL A 10 27.02 -10.64 -8.54
C VAL A 10 25.84 -10.70 -7.60
N SER A 11 25.43 -9.55 -7.06
CA SER A 11 24.37 -9.53 -6.05
C SER A 11 23.33 -8.46 -6.29
N VAL A 12 22.07 -8.85 -6.09
CA VAL A 12 20.89 -8.01 -6.20
C VAL A 12 20.26 -7.96 -4.82
N SER A 13 20.39 -6.84 -4.08
CA SER A 13 19.82 -6.75 -2.72
C SER A 13 19.23 -5.38 -2.37
N PRO A 14 18.18 -4.95 -3.06
CA PRO A 14 17.54 -3.67 -2.74
C PRO A 14 16.69 -3.74 -1.46
N GLY A 15 16.64 -2.63 -0.72
CA GLY A 15 15.86 -2.61 0.52
C GLY A 15 15.41 -1.24 1.05
N GLN A 16 14.17 -1.16 1.56
CA GLN A 16 13.57 0.08 2.08
C GLN A 16 13.29 0.07 3.59
N THR A 17 13.62 1.20 4.23
CA THR A 17 13.41 1.45 5.67
C THR A 17 12.43 2.59 5.86
N ALA A 18 11.42 2.42 6.71
CA ALA A 18 10.39 3.43 6.90
C ALA A 18 9.98 3.69 8.35
N ASN A 19 9.82 4.99 8.69
CA ASN A 19 9.29 5.48 9.97
C ASN A 19 7.90 6.08 9.76
N ILE A 20 6.87 5.52 10.38
CA ILE A 20 5.49 6.00 10.24
C ILE A 20 4.90 6.33 11.61
N THR A 21 4.38 7.56 11.80
CA THR A 21 3.82 7.95 13.11
C THR A 21 2.71 9.02 13.10
N CYS A 22 1.65 8.80 13.90
CA CYS A 22 0.53 9.74 14.11
C CYS A 22 0.20 9.96 15.58
N SER A 23 0.02 11.24 15.96
CA SER A 23 -0.42 11.66 17.29
C SER A 23 -1.68 12.50 17.18
N GLY A 24 -2.75 12.07 17.82
CA GLY A 24 -4.03 12.77 17.76
C GLY A 24 -4.04 14.14 18.39
N GLY A 25 -2.94 14.57 19.00
CA GLY A 25 -2.86 15.87 19.63
C GLY A 25 -3.51 15.91 21.00
N TYR A 26 -3.82 17.14 21.43
CA TYR A 26 -4.46 17.42 22.71
C TYR A 26 -5.87 17.96 22.47
N LEU A 27 -6.86 17.21 22.91
CA LEU A 27 -8.27 17.58 22.80
C LEU A 27 -8.77 17.88 24.22
N GLY A 28 -8.69 19.15 24.61
CA GLY A 28 -9.09 19.61 25.94
C GLY A 28 -10.30 20.51 25.89
N GLU A 29 -11.26 20.27 26.79
CA GLU A 29 -12.51 21.01 26.80
C GLU A 29 -12.92 21.33 28.23
N THR A 30 -13.05 22.62 28.54
CA THR A 30 -13.45 23.08 29.88
C THR A 30 -14.69 23.96 29.82
N TYR A 31 -15.59 23.77 30.78
CA TYR A 31 -16.83 24.53 30.91
C TYR A 31 -17.67 24.58 29.64
N ARG A 32 -17.72 23.48 28.90
CA ARG A 32 -18.56 23.41 27.71
C ARG A 32 -20.00 23.23 28.17
N SER A 33 -20.84 24.25 27.96
CA SER A 33 -22.23 24.26 28.39
C SER A 33 -23.14 24.11 27.18
N TRP A 34 -24.03 23.11 27.22
CA TRP A 34 -24.86 22.83 26.06
C TRP A 34 -26.30 22.52 26.45
N TYR A 35 -27.22 23.07 25.66
CA TYR A 35 -28.66 22.88 25.78
C TYR A 35 -29.13 22.57 24.37
N GLN A 36 -29.45 21.32 24.12
CA GLN A 36 -29.83 20.86 22.80
C GLN A 36 -31.27 20.37 22.74
N GLN A 37 -32.01 20.88 21.76
CA GLN A 37 -33.43 20.57 21.55
C GLN A 37 -33.62 20.23 20.07
N LYS A 38 -33.65 18.92 19.74
CA LYS A 38 -33.79 18.47 18.35
C LYS A 38 -34.81 17.35 18.16
N PRO A 39 -36.08 17.60 18.42
CA PRO A 39 -37.09 16.55 18.20
C PRO A 39 -37.37 16.29 16.71
N GLY A 40 -37.79 15.06 16.41
CA GLY A 40 -38.17 14.65 15.08
C GLY A 40 -37.11 14.53 14.00
N GLN A 41 -36.00 13.87 14.34
CA GLN A 41 -34.86 13.62 13.46
C GLN A 41 -35.09 12.45 12.50
N SER A 42 -35.17 12.72 11.18
CA SER A 42 -35.48 11.67 10.18
C SER A 42 -34.54 11.63 8.96
N PRO A 43 -33.29 11.21 9.14
CA PRO A 43 -32.34 11.07 8.00
C PRO A 43 -32.59 9.87 7.09
N VAL A 44 -32.25 10.04 5.79
CA VAL A 44 -32.45 9.00 4.77
C VAL A 44 -31.24 8.80 3.85
N LEU A 45 -30.96 7.53 3.52
CA LEU A 45 -29.90 7.11 2.59
C LEU A 45 -30.35 5.88 1.79
N VAL A 46 -30.22 5.93 0.46
CA VAL A 46 -30.53 4.81 -0.45
C VAL A 46 -29.37 4.54 -1.40
N ILE A 47 -28.90 3.29 -1.42
CA ILE A 47 -27.77 2.86 -2.27
C ILE A 47 -28.21 1.69 -3.15
N TYR A 48 -28.08 1.84 -4.47
CA TYR A 48 -28.54 0.83 -5.43
C TYR A 48 -27.53 0.46 -6.52
N GLN A 49 -27.40 -0.85 -6.81
CA GLN A 49 -26.56 -1.35 -7.90
C GLN A 49 -27.21 -2.49 -8.67
N SER A 50 -27.12 -2.43 -10.00
CA SER A 50 -27.57 -3.51 -10.88
C SER A 50 -26.55 -3.72 -11.99
N SER A 51 -26.27 -4.98 -12.33
CA SER A 51 -25.31 -5.30 -13.37
C SER A 51 -25.74 -6.52 -14.19
N LYS A 52 -25.48 -6.49 -15.50
CA LYS A 52 -25.91 -7.57 -16.40
C LYS A 52 -24.88 -7.87 -17.49
N ARG A 53 -24.44 -9.14 -17.56
CA ARG A 53 -23.48 -9.75 -18.50
C ARG A 53 -22.13 -9.02 -18.61
N PRO A 54 -21.54 -8.56 -17.52
CA PRO A 54 -20.23 -7.92 -17.58
C PRO A 54 -19.08 -8.91 -17.77
N SER A 55 -17.94 -8.38 -18.21
CA SER A 55 -16.73 -9.16 -18.43
C SER A 55 -15.49 -8.31 -18.18
N GLY A 56 -14.38 -8.98 -17.82
CA GLY A 56 -13.12 -8.30 -17.54
C GLY A 56 -11.86 -9.07 -17.88
N ILE A 57 -10.91 -8.40 -18.53
CA ILE A 57 -9.67 -9.00 -19.01
C ILE A 57 -9.95 -10.23 -19.87
N PRO A 58 -10.79 -10.13 -20.86
CA PRO A 58 -11.12 -11.26 -21.75
C PRO A 58 -10.15 -11.41 -22.91
N GLY A 59 -8.85 -11.52 -22.62
CA GLY A 59 -7.85 -11.62 -23.67
C GLY A 59 -6.55 -12.23 -23.23
N ARG A 60 -5.43 -11.76 -23.78
CA ARG A 60 -4.13 -12.31 -23.40
C ARG A 60 -3.68 -11.75 -22.04
N PHE A 61 -2.57 -12.31 -21.55
CA PHE A 61 -2.09 -12.06 -20.20
C PHE A 61 -1.79 -10.60 -19.88
N SER A 62 -1.75 -10.35 -18.56
CA SER A 62 -1.30 -9.10 -17.96
C SER A 62 -0.10 -9.41 -17.07
N GLY A 63 1.00 -8.69 -17.25
CA GLY A 63 2.14 -8.92 -16.37
C GLY A 63 1.78 -8.69 -14.91
N SER A 64 1.20 -7.52 -14.63
CA SER A 64 0.68 -7.17 -13.31
C SER A 64 -0.56 -6.31 -13.48
N ASN A 65 -1.59 -6.51 -12.64
CA ASN A 65 -2.82 -5.71 -12.74
C ASN A 65 -3.50 -5.47 -11.39
N SER A 66 -3.58 -4.21 -10.95
CA SER A 66 -4.33 -3.87 -9.73
C SER A 66 -5.70 -3.26 -10.03
N GLY A 67 -6.01 -2.97 -11.31
CA GLY A 67 -7.26 -2.31 -11.68
C GLY A 67 -8.51 -3.20 -11.63
N ASN A 68 -9.67 -2.54 -11.50
CA ASN A 68 -10.96 -3.19 -11.37
C ASN A 68 -11.90 -2.99 -12.57
N THR A 69 -12.96 -3.77 -12.50
CA THR A 69 -14.15 -3.82 -13.34
C THR A 69 -15.23 -3.09 -12.54
N ALA A 70 -16.43 -2.92 -13.10
CA ALA A 70 -17.32 -1.92 -12.53
C ALA A 70 -17.84 -2.34 -11.16
N THR A 71 -17.38 -1.57 -10.16
CA THR A 71 -17.62 -1.71 -8.73
C THR A 71 -17.99 -0.37 -8.12
N LEU A 72 -18.42 -0.40 -6.86
CA LEU A 72 -18.84 0.81 -6.15
C LEU A 72 -18.33 0.79 -4.71
N THR A 73 -17.68 1.87 -4.28
CA THR A 73 -17.18 2.02 -2.90
C THR A 73 -17.73 3.27 -2.22
N ILE A 74 -18.24 3.10 -1.00
CA ILE A 74 -18.88 4.15 -0.21
C ILE A 74 -18.18 4.29 1.14
N SER A 75 -17.67 5.49 1.45
CA SER A 75 -16.97 5.69 2.73
C SER A 75 -17.27 7.00 3.45
N GLY A 76 -17.60 6.91 4.74
CA GLY A 76 -17.82 8.06 5.62
C GLY A 76 -18.76 9.15 5.12
N THR A 77 -19.66 8.76 4.22
CA THR A 77 -20.48 9.72 3.50
C THR A 77 -21.46 10.55 4.32
N GLN A 78 -22.26 9.93 5.19
CA GLN A 78 -23.33 10.66 5.88
C GLN A 78 -23.27 10.67 7.41
N PRO A 79 -22.22 11.27 7.98
CA PRO A 79 -22.11 11.41 9.43
C PRO A 79 -22.98 12.55 9.92
N LEU A 80 -23.88 12.25 10.84
CA LEU A 80 -24.87 13.19 11.32
C LEU A 80 -24.45 14.06 12.51
N ASP A 81 -23.87 13.49 13.55
CA ASP A 81 -23.50 14.31 14.70
C ASP A 81 -22.31 13.72 15.45
N GLU A 82 -21.41 14.60 15.91
CA GLU A 82 -20.23 14.23 16.70
C GLU A 82 -19.45 13.04 16.12
N ALA A 83 -19.12 13.11 14.83
CA ALA A 83 -18.40 12.03 14.13
C ALA A 83 -16.93 12.38 13.88
N ASP A 84 -16.03 11.59 14.45
CA ASP A 84 -14.58 11.81 14.37
C ASP A 84 -13.84 10.68 13.64
N TYR A 85 -12.98 11.07 12.69
CA TYR A 85 -12.16 10.15 11.89
C TYR A 85 -10.69 10.61 12.00
N PHE A 86 -9.92 10.04 12.94
CA PHE A 86 -8.54 10.46 13.20
C PHE A 86 -7.52 9.42 12.76
N CYS A 87 -6.67 9.76 11.77
CA CYS A 87 -5.70 8.81 11.22
C CYS A 87 -6.41 7.51 10.87
N GLN A 88 -7.62 7.70 10.37
CA GLN A 88 -8.59 6.65 10.13
C GLN A 88 -8.18 5.61 9.09
N ALA A 89 -7.88 6.04 7.87
CA ALA A 89 -7.59 5.09 6.78
C ALA A 89 -6.18 5.26 6.22
N TRP A 90 -5.30 4.37 6.64
CA TRP A 90 -3.90 4.34 6.26
C TRP A 90 -3.67 3.10 5.42
N ASP A 91 -3.36 3.30 4.14
CA ASP A 91 -3.16 2.23 3.18
C ASP A 91 -1.76 2.33 2.59
N PHE A 92 -0.90 1.34 2.88
CA PHE A 92 0.47 1.26 2.39
C PHE A 92 0.64 0.03 1.51
N THR A 93 1.11 0.22 0.28
CA THR A 93 1.37 -0.86 -0.66
C THR A 93 2.84 -0.80 -1.11
N SER A 94 3.67 -1.72 -0.63
CA SER A 94 5.09 -1.77 -0.93
C SER A 94 5.49 -3.06 -1.65
N VAL A 95 6.06 -2.92 -2.86
CA VAL A 95 6.51 -4.05 -3.68
C VAL A 95 7.97 -3.87 -4.08
N VAL A 96 8.80 -4.86 -3.81
CA VAL A 96 10.19 -4.81 -4.25
C VAL A 96 10.31 -5.22 -5.72
N PHE A 97 9.82 -6.40 -6.06
CA PHE A 97 9.75 -6.90 -7.43
C PHE A 97 8.31 -7.28 -7.74
N GLY A 98 7.77 -6.69 -8.81
CA GLY A 98 6.41 -6.95 -9.20
C GLY A 98 6.22 -8.33 -9.79
N GLY A 99 4.98 -8.59 -10.19
CA GLY A 99 4.64 -9.86 -10.80
C GLY A 99 5.12 -9.97 -12.22
N GLY A 100 5.29 -11.21 -12.66
CA GLY A 100 5.75 -11.46 -14.02
C GLY A 100 7.13 -10.92 -14.32
N THR A 101 8.05 -11.01 -13.35
CA THR A 101 9.41 -10.53 -13.51
C THR A 101 10.37 -11.70 -13.60
N LYS A 102 11.39 -11.58 -14.46
CA LYS A 102 12.39 -12.62 -14.68
C LYS A 102 13.76 -12.11 -14.27
N LEU A 103 14.35 -12.75 -13.27
CA LEU A 103 15.72 -12.47 -12.84
C LEU A 103 16.51 -13.72 -13.21
N THR A 104 17.42 -13.59 -14.18
CA THR A 104 18.25 -14.71 -14.63
C THR A 104 19.70 -14.27 -14.44
N VAL A 105 20.27 -14.61 -13.29
CA VAL A 105 21.66 -14.28 -12.99
C VAL A 105 22.46 -15.48 -13.47
N LEU A 106 23.13 -15.31 -14.62
CA LEU A 106 23.86 -16.38 -15.27
C LEU A 106 25.34 -16.01 -15.18
N GLY A 107 25.92 -16.37 -14.04
CA GLY A 107 27.29 -16.07 -13.67
C GLY A 107 28.26 -17.22 -13.87
N GLN A 108 29.09 -17.14 -14.89
CA GLN A 108 30.08 -18.17 -15.19
C GLN A 108 31.53 -17.64 -15.33
N PRO A 109 32.03 -16.98 -14.28
CA PRO A 109 33.43 -16.50 -14.22
C PRO A 109 34.51 -17.56 -14.42
N LYS A 110 35.63 -17.10 -14.98
CA LYS A 110 36.86 -17.89 -15.10
C LYS A 110 38.00 -17.02 -14.54
N ALA A 111 38.70 -17.50 -13.50
CA ALA A 111 39.75 -16.70 -12.85
C ALA A 111 40.91 -17.55 -12.34
N ALA A 112 42.10 -17.43 -12.96
CA ALA A 112 43.28 -18.22 -12.60
C ALA A 112 44.56 -17.42 -12.30
N PRO A 113 44.60 -16.65 -11.20
CA PRO A 113 45.81 -15.91 -10.83
C PRO A 113 46.85 -16.80 -10.15
N SER A 114 48.06 -16.27 -10.00
CA SER A 114 49.14 -16.98 -9.32
C SER A 114 50.15 -16.01 -8.71
N VAL A 115 50.84 -16.47 -7.66
CA VAL A 115 51.86 -15.70 -6.95
C VAL A 115 53.13 -16.54 -6.82
N THR A 116 54.25 -16.01 -7.34
CA THR A 116 55.56 -16.65 -7.33
C THR A 116 56.55 -15.86 -6.46
N LEU A 117 56.90 -16.41 -5.30
CA LEU A 117 57.80 -15.72 -4.38
C LEU A 117 58.86 -16.67 -3.85
N SER B 1 56.01 -7.21 1.57
CA SER B 1 54.54 -7.48 1.55
C SER B 1 53.85 -6.63 0.50
N PHE B 2 52.93 -7.24 -0.24
CA PHE B 2 52.18 -6.58 -1.29
C PHE B 2 50.69 -6.81 -1.14
N GLU B 3 49.90 -5.89 -1.71
CA GLU B 3 48.44 -6.00 -1.72
C GLU B 3 47.89 -5.86 -3.14
N LEU B 4 47.24 -6.93 -3.61
CA LEU B 4 46.57 -7.01 -4.90
C LEU B 4 45.10 -7.34 -4.65
N THR B 5 44.19 -6.47 -5.08
CA THR B 5 42.77 -6.71 -4.86
C THR B 5 41.93 -6.21 -6.03
N GLN B 6 41.02 -7.06 -6.52
CA GLN B 6 40.14 -6.72 -7.64
C GLN B 6 38.70 -7.16 -7.37
N PRO B 7 37.98 -6.41 -6.52
CA PRO B 7 36.58 -6.75 -6.20
C PRO B 7 35.58 -6.46 -7.32
N SER B 8 35.63 -7.22 -8.40
CA SER B 8 34.70 -7.02 -9.50
C SER B 8 33.27 -7.17 -8.99
N SER B 9 32.50 -6.09 -9.10
CA SER B 9 31.16 -6.02 -8.50
C SER B 9 30.09 -5.64 -9.52
N VAL B 10 29.30 -6.61 -9.92
CA VAL B 10 28.17 -6.38 -10.81
C VAL B 10 26.98 -6.44 -9.86
N SER B 11 26.56 -5.30 -9.34
CA SER B 11 25.49 -5.28 -8.34
C SER B 11 24.44 -4.22 -8.59
N VAL B 12 23.19 -4.61 -8.40
CA VAL B 12 22.00 -3.78 -8.53
C VAL B 12 21.35 -3.73 -7.15
N SER B 13 21.47 -2.62 -6.41
CA SER B 13 20.88 -2.52 -5.06
C SER B 13 20.29 -1.15 -4.72
N PRO B 14 19.25 -0.73 -5.41
CA PRO B 14 18.58 0.54 -5.10
C PRO B 14 17.73 0.46 -3.83
N GLY B 15 17.66 1.58 -3.09
CA GLY B 15 16.86 1.60 -1.86
C GLY B 15 16.40 2.96 -1.34
N GLN B 16 15.16 3.04 -0.83
CA GLN B 16 14.55 4.26 -0.33
C GLN B 16 14.26 4.26 1.17
N THR B 17 14.56 5.39 1.83
CA THR B 17 14.34 5.63 3.25
C THR B 17 13.36 6.78 3.44
N ALA B 18 12.33 6.60 4.28
CA ALA B 18 11.30 7.61 4.45
C ALA B 18 10.87 7.87 5.90
N ASN B 19 10.71 9.16 6.24
CA ASN B 19 10.15 9.65 7.51
C ASN B 19 8.75 10.25 7.29
N ILE B 20 7.73 9.68 7.90
CA ILE B 20 6.35 10.15 7.74
C ILE B 20 5.73 10.48 9.10
N THR B 21 5.21 11.71 9.29
CA THR B 21 4.63 12.10 10.59
C THR B 21 3.52 13.16 10.56
N CYS B 22 2.45 12.93 11.37
CA CYS B 22 1.32 13.86 11.56
C CYS B 22 0.98 14.09 13.03
N SER B 23 0.79 15.36 13.40
CA SER B 23 0.33 15.78 14.72
C SER B 23 -0.93 16.61 14.59
N GLY B 24 -2.02 16.17 15.24
CA GLY B 24 -3.29 16.87 15.15
C GLY B 24 -3.32 18.25 15.77
N GLY B 25 -2.23 18.67 16.39
CA GLY B 25 -2.15 19.97 17.04
C GLY B 25 -2.82 20.02 18.40
N TYR B 26 -3.14 21.24 18.82
CA TYR B 26 -3.81 21.51 20.09
C TYR B 26 -5.21 22.04 19.84
N LEU B 27 -6.21 21.29 20.28
CA LEU B 27 -7.62 21.66 20.15
C LEU B 27 -8.13 21.96 21.56
N GLY B 28 -8.06 23.23 21.95
CA GLY B 28 -8.48 23.68 23.28
C GLY B 28 -9.71 24.58 23.21
N GLU B 29 -10.65 24.33 24.10
CA GLU B 29 -11.91 25.07 24.10
C GLU B 29 -12.34 25.39 25.53
N THR B 30 -12.47 26.67 25.84
CA THR B 30 -12.91 27.13 27.16
C THR B 30 -14.15 28.00 27.08
N TYR B 31 -15.05 27.80 28.05
CA TYR B 31 -16.31 28.56 28.17
C TYR B 31 -17.12 28.61 26.88
N ARG B 32 -17.16 27.50 26.14
CA ARG B 32 -18.00 27.44 24.94
C ARG B 32 -19.44 27.25 25.38
N SER B 33 -20.27 28.26 25.16
CA SER B 33 -21.67 28.26 25.57
C SER B 33 -22.56 28.10 24.36
N TRP B 34 -23.45 27.10 24.39
CA TRP B 34 -24.27 26.82 23.22
C TRP B 34 -25.71 26.50 23.60
N TYR B 35 -26.62 27.04 22.79
CA TYR B 35 -28.06 26.85 22.90
C TYR B 35 -28.51 26.54 21.48
N GLN B 36 -28.83 25.29 21.23
CA GLN B 36 -29.19 24.82 19.90
C GLN B 36 -30.62 24.33 19.82
N GLN B 37 -31.36 24.84 18.84
CA GLN B 37 -32.76 24.52 18.61
C GLN B 37 -32.94 24.17 17.13
N LYS B 38 -32.96 22.88 16.80
CA LYS B 38 -33.08 22.40 15.41
C LYS B 38 -34.10 21.28 15.21
N PRO B 39 -35.38 21.53 15.45
CA PRO B 39 -36.38 20.48 15.22
C PRO B 39 -36.64 20.22 13.74
N GLY B 40 -37.05 18.99 13.44
CA GLY B 40 -37.42 18.57 12.09
C GLY B 40 -36.33 18.47 11.03
N GLN B 41 -35.23 17.80 11.37
CA GLN B 41 -34.07 17.56 10.51
C GLN B 41 -34.29 16.38 9.55
N SER B 42 -34.35 16.64 8.23
CA SER B 42 -34.65 15.61 7.23
C SER B 42 -33.70 15.57 6.02
N PRO B 43 -32.44 15.15 6.20
CA PRO B 43 -31.48 15.03 5.09
C PRO B 43 -31.72 13.82 4.16
N VAL B 44 -31.37 13.99 2.87
CA VAL B 44 -31.54 12.94 1.85
C VAL B 44 -30.32 12.75 0.93
N LEU B 45 -30.02 11.48 0.61
CA LEU B 45 -28.97 11.06 -0.31
C LEU B 45 -29.39 9.83 -1.11
N VAL B 46 -29.25 9.90 -2.44
CA VAL B 46 -29.55 8.77 -3.35
C VAL B 46 -28.38 8.51 -4.29
N ILE B 47 -27.89 7.26 -4.31
CA ILE B 47 -26.76 6.83 -5.13
C ILE B 47 -27.19 5.66 -6.03
N TYR B 48 -27.03 5.81 -7.35
CA TYR B 48 -27.48 4.80 -8.31
C TYR B 48 -26.46 4.43 -9.38
N GLN B 49 -26.31 3.13 -9.68
CA GLN B 49 -25.46 2.64 -10.75
C GLN B 49 -26.11 1.49 -11.53
N SER B 50 -25.99 1.55 -12.86
CA SER B 50 -26.42 0.47 -13.74
C SER B 50 -25.39 0.27 -14.84
N SER B 51 -25.10 -0.99 -15.18
CA SER B 51 -24.12 -1.31 -16.21
C SER B 51 -24.55 -2.53 -17.03
N LYS B 52 -24.27 -2.51 -18.34
CA LYS B 52 -24.69 -3.59 -19.24
C LYS B 52 -23.63 -3.88 -20.33
N ARG B 53 -23.20 -5.15 -20.39
CA ARG B 53 -22.22 -5.76 -21.31
C ARG B 53 -20.88 -5.03 -21.42
N PRO B 54 -20.30 -4.55 -20.31
CA PRO B 54 -18.98 -3.91 -20.36
C PRO B 54 -17.83 -4.89 -20.54
N SER B 55 -16.69 -4.35 -20.96
CA SER B 55 -15.47 -5.13 -21.17
C SER B 55 -14.24 -4.27 -20.90
N GLY B 56 -13.13 -4.93 -20.54
CA GLY B 56 -11.87 -4.25 -20.24
C GLY B 56 -10.61 -5.02 -20.58
N ILE B 57 -9.66 -4.34 -21.21
CA ILE B 57 -8.41 -4.93 -21.68
C ILE B 57 -8.68 -6.16 -22.53
N PRO B 58 -9.50 -6.06 -23.54
CA PRO B 58 -9.81 -7.20 -24.43
C PRO B 58 -8.84 -7.35 -25.59
N GLY B 59 -7.54 -7.44 -25.28
CA GLY B 59 -6.52 -7.53 -26.32
C GLY B 59 -5.21 -8.14 -25.86
N ARG B 60 -4.09 -7.67 -26.40
CA ARG B 60 -2.81 -8.21 -26.00
C ARG B 60 -2.37 -7.65 -24.64
N PHE B 61 -1.27 -8.21 -24.13
CA PHE B 61 -0.79 -7.95 -22.77
C PHE B 61 -0.51 -6.49 -22.45
N SER B 62 -0.49 -6.23 -21.14
CA SER B 62 -0.05 -4.98 -20.53
C SER B 62 1.14 -5.29 -19.63
N GLY B 63 2.24 -4.57 -19.79
CA GLY B 63 3.37 -4.79 -18.91
C GLY B 63 2.99 -4.55 -17.45
N SER B 64 2.40 -3.40 -17.17
CA SER B 64 1.87 -3.05 -15.86
C SER B 64 0.63 -2.19 -16.04
N ASN B 65 -0.42 -2.41 -15.22
CA ASN B 65 -1.64 -1.60 -15.32
C ASN B 65 -2.35 -1.37 -13.99
N SER B 66 -2.44 -0.11 -13.55
CA SER B 66 -3.20 0.24 -12.34
C SER B 66 -4.57 0.82 -12.65
N GLY B 67 -4.86 1.13 -13.94
CA GLY B 67 -6.12 1.77 -14.32
C GLY B 67 -7.36 0.87 -14.29
N ASN B 68 -8.52 1.53 -14.17
CA ASN B 68 -9.81 0.88 -14.05
C ASN B 68 -10.74 1.07 -15.25
N THR B 69 -11.81 0.28 -15.20
CA THR B 69 -12.98 0.22 -16.05
C THR B 69 -14.07 0.95 -15.27
N ALA B 70 -15.26 1.11 -15.83
CA ALA B 70 -16.18 2.11 -15.29
C ALA B 70 -16.71 1.70 -13.92
N THR B 71 -16.26 2.46 -12.92
CA THR B 71 -16.50 2.31 -11.48
C THR B 71 -16.90 3.66 -10.88
N LEU B 72 -17.33 3.63 -9.62
CA LEU B 72 -17.77 4.83 -8.92
C LEU B 72 -17.28 4.81 -7.48
N THR B 73 -16.65 5.90 -7.03
CA THR B 73 -16.16 6.05 -5.66
C THR B 73 -16.72 7.30 -4.98
N ILE B 74 -17.24 7.12 -3.76
CA ILE B 74 -17.90 8.18 -2.98
C ILE B 74 -17.22 8.32 -1.63
N SER B 75 -16.71 9.53 -1.30
CA SER B 75 -16.02 9.72 -0.02
C SER B 75 -16.34 11.03 0.70
N GLY B 76 -16.69 10.94 1.99
CA GLY B 76 -16.92 12.09 2.86
C GLY B 76 -17.86 13.17 2.35
N THR B 77 -18.75 12.78 1.44
CA THR B 77 -19.57 13.73 0.70
C THR B 77 -20.56 14.56 1.53
N GLN B 78 -21.38 13.93 2.38
CA GLN B 78 -22.45 14.66 3.06
C GLN B 78 -22.40 14.67 4.59
N PRO B 79 -21.37 15.27 5.16
CA PRO B 79 -21.28 15.41 6.63
C PRO B 79 -22.16 16.55 7.10
N LEU B 80 -23.06 16.24 8.02
CA LEU B 80 -24.07 17.18 8.49
C LEU B 80 -23.66 18.05 9.67
N ASP B 81 -23.08 17.49 10.72
CA ASP B 81 -22.73 18.30 11.87
C ASP B 81 -21.55 17.72 12.65
N GLU B 82 -20.67 18.61 13.10
CA GLU B 82 -19.49 18.24 13.91
C GLU B 82 -18.69 17.06 13.35
N ALA B 83 -18.34 17.13 12.05
CA ALA B 83 -17.63 16.06 11.36
C ALA B 83 -16.15 16.41 11.13
N ASP B 84 -15.24 15.62 11.72
CA ASP B 84 -13.79 15.86 11.65
C ASP B 84 -13.06 14.73 10.92
N TYR B 85 -12.18 15.11 9.98
CA TYR B 85 -11.34 14.21 9.20
C TYR B 85 -9.88 14.67 9.32
N PHE B 86 -9.11 14.11 10.26
CA PHE B 86 -7.74 14.54 10.55
C PHE B 86 -6.71 13.50 10.11
N CYS B 87 -5.86 13.85 9.14
CA CYS B 87 -4.87 12.90 8.60
C CYS B 87 -5.57 11.60 8.24
N GLN B 88 -6.78 11.78 7.72
CA GLN B 88 -7.74 10.73 7.48
C GLN B 88 -7.31 9.69 6.44
N ALA B 89 -7.00 10.11 5.22
CA ALA B 89 -6.69 9.18 4.14
C ALA B 89 -5.28 9.35 3.59
N TRP B 90 -4.39 8.46 4.02
CA TRP B 90 -2.99 8.45 3.66
C TRP B 90 -2.74 7.20 2.82
N ASP B 91 -2.41 7.41 1.54
CA ASP B 91 -2.20 6.34 0.58
C ASP B 91 -0.79 6.44 0.01
N PHE B 92 0.05 5.46 0.31
CA PHE B 92 1.43 5.38 -0.16
C PHE B 92 1.62 4.15 -1.04
N THR B 93 2.11 4.35 -2.27
CA THR B 93 2.38 3.27 -3.21
C THR B 93 3.85 3.34 -3.65
N SER B 94 4.68 2.41 -3.15
CA SER B 94 6.11 2.37 -3.43
C SER B 94 6.53 1.09 -4.15
N VAL B 95 7.11 1.23 -5.35
CA VAL B 95 7.57 0.11 -6.16
C VAL B 95 9.04 0.30 -6.54
N VAL B 96 9.87 -0.70 -6.27
CA VAL B 96 11.27 -0.63 -6.70
C VAL B 96 11.41 -1.04 -8.16
N PHE B 97 10.92 -2.23 -8.50
CA PHE B 97 10.87 -2.72 -9.88
C PHE B 97 9.44 -3.11 -10.21
N GLY B 98 8.90 -2.53 -11.28
CA GLY B 98 7.55 -2.79 -11.68
C GLY B 98 7.37 -4.18 -12.28
N GLY B 99 6.14 -4.44 -12.70
CA GLY B 99 5.82 -5.71 -13.30
C GLY B 99 6.31 -5.82 -14.73
N GLY B 100 6.49 -7.06 -15.16
CA GLY B 100 6.97 -7.30 -16.52
C GLY B 100 8.35 -6.76 -16.80
N THR B 101 9.25 -6.85 -15.83
CA THR B 101 10.61 -6.35 -15.96
C THR B 101 11.59 -7.53 -16.05
N LYS B 102 12.61 -7.39 -16.89
CA LYS B 102 13.63 -8.43 -17.09
C LYS B 102 14.98 -7.91 -16.67
N LEU B 103 15.57 -8.55 -15.67
CA LEU B 103 16.93 -8.27 -15.23
C LEU B 103 17.73 -9.51 -15.59
N THR B 104 18.65 -9.38 -16.54
CA THR B 104 19.49 -10.49 -16.98
C THR B 104 20.93 -10.04 -16.79
N VAL B 105 21.49 -10.38 -15.63
CA VAL B 105 22.88 -10.04 -15.31
C VAL B 105 23.70 -11.23 -15.77
N LEU B 106 24.37 -11.07 -16.91
CA LEU B 106 25.12 -12.13 -17.56
C LEU B 106 26.59 -11.76 -17.46
N GLY B 107 27.16 -12.12 -16.32
CA GLY B 107 28.52 -11.81 -15.92
C GLY B 107 29.50 -12.95 -16.11
N GLN B 108 30.35 -12.86 -17.13
CA GLN B 108 31.35 -13.89 -17.41
C GLN B 108 32.79 -13.36 -17.54
N PRO B 109 33.28 -12.69 -16.48
CA PRO B 109 34.68 -12.20 -16.40
C PRO B 109 35.75 -13.26 -16.59
N LYS B 110 36.89 -12.79 -17.14
CA LYS B 110 38.13 -13.57 -17.25
C LYS B 110 39.25 -12.71 -16.67
N ALA B 111 39.95 -13.18 -15.62
CA ALA B 111 40.98 -12.37 -14.97
C ALA B 111 42.14 -13.22 -14.44
N ALA B 112 43.33 -13.09 -15.04
CA ALA B 112 44.52 -13.87 -14.67
C ALA B 112 45.79 -13.06 -14.36
N PRO B 113 45.81 -12.30 -13.27
CA PRO B 113 47.01 -11.55 -12.88
C PRO B 113 48.05 -12.44 -12.19
N SER B 114 49.26 -11.89 -12.01
CA SER B 114 50.33 -12.60 -11.33
C SER B 114 51.33 -11.62 -10.71
N VAL B 115 52.01 -12.09 -9.65
CA VAL B 115 53.02 -11.31 -8.93
C VAL B 115 54.30 -12.14 -8.79
N THR B 116 55.41 -11.60 -9.29
CA THR B 116 56.73 -12.24 -9.27
C THR B 116 57.70 -11.44 -8.39
N LEU B 117 58.04 -12.00 -7.22
CA LEU B 117 58.93 -11.29 -6.30
C LEU B 117 59.99 -12.24 -5.75
N SER C 1 53.99 -16.12 5.39
CA SER C 1 52.53 -16.37 5.40
C SER C 1 51.82 -15.50 4.36
N PHE C 2 50.86 -16.11 3.65
CA PHE C 2 50.10 -15.44 2.60
C PHE C 2 48.61 -15.65 2.80
N GLU C 3 47.83 -14.72 2.24
CA GLU C 3 46.36 -14.81 2.26
C GLU C 3 45.77 -14.66 0.87
N LEU C 4 45.11 -15.72 0.40
CA LEU C 4 44.40 -15.80 -0.87
C LEU C 4 42.93 -16.11 -0.59
N THR C 5 42.03 -15.23 -0.99
CA THR C 5 40.61 -15.45 -0.74
C THR C 5 39.75 -14.95 -1.89
N GLN C 6 38.82 -15.79 -2.37
CA GLN C 6 37.92 -15.43 -3.46
C GLN C 6 36.49 -15.85 -3.16
N PRO C 7 35.79 -15.09 -2.30
CA PRO C 7 34.40 -15.42 -1.95
C PRO C 7 33.37 -15.12 -3.03
N SER C 8 33.38 -15.89 -4.12
CA SER C 8 32.43 -15.67 -5.19
C SER C 8 31.01 -15.80 -4.65
N SER C 9 30.25 -14.71 -4.74
CA SER C 9 28.93 -14.63 -4.12
C SER C 9 27.84 -14.23 -5.11
N VAL C 10 27.03 -15.20 -5.50
CA VAL C 10 25.89 -14.94 -6.36
C VAL C 10 24.71 -15.00 -5.39
N SER C 11 24.32 -13.85 -4.84
CA SER C 11 23.28 -13.83 -3.82
C SER C 11 22.23 -12.74 -4.05
N VAL C 12 20.98 -13.13 -3.83
CA VAL C 12 19.80 -12.28 -3.94
C VAL C 12 19.18 -12.22 -2.54
N SER C 13 19.33 -11.11 -1.79
CA SER C 13 18.78 -11.01 -0.44
C SER C 13 18.21 -9.64 -0.08
N PRO C 14 17.15 -9.21 -0.75
CA PRO C 14 16.51 -7.93 -0.43
C PRO C 14 15.69 -7.99 0.86
N GLY C 15 15.65 -6.87 1.60
CA GLY C 15 14.88 -6.85 2.86
C GLY C 15 14.44 -5.49 3.39
N GLN C 16 13.22 -5.40 3.92
CA GLN C 16 12.63 -4.16 4.44
C GLN C 16 12.37 -4.17 5.95
N THR C 17 12.70 -3.05 6.60
CA THR C 17 12.52 -2.79 8.03
C THR C 17 11.55 -1.63 8.24
N ALA C 18 10.54 -1.82 9.11
CA ALA C 18 9.53 -0.79 9.30
C ALA C 18 9.13 -0.53 10.75
N ASN C 19 8.99 0.77 11.10
CA ASN C 19 8.48 1.26 12.39
C ASN C 19 7.09 1.88 12.19
N ILE C 20 6.06 1.31 12.83
CA ILE C 20 4.68 1.80 12.70
C ILE C 20 4.10 2.14 14.08
N THR C 21 3.59 3.37 14.28
CA THR C 21 3.06 3.76 15.59
C THR C 21 1.95 4.83 15.59
N CYS C 22 0.90 4.63 16.42
CA CYS C 22 -0.21 5.57 16.64
C CYS C 22 -0.52 5.80 18.11
N SER C 23 -0.68 7.07 18.49
CA SER C 23 -1.10 7.49 19.82
C SER C 23 -2.37 8.34 19.72
N GLY C 24 -3.44 7.91 20.40
CA GLY C 24 -4.71 8.62 20.34
C GLY C 24 -4.71 10.00 20.97
N GLY C 25 -3.59 10.41 21.56
CA GLY C 25 -3.49 11.71 22.20
C GLY C 25 -4.14 11.77 23.58
N TYR C 26 -4.42 12.99 24.01
CA TYR C 26 -5.06 13.27 25.30
C TYR C 26 -6.45 13.82 25.07
N LEU C 27 -7.46 13.08 25.54
CA LEU C 27 -8.86 13.45 25.44
C LEU C 27 -9.34 13.75 26.85
N GLY C 28 -9.25 15.02 27.25
CA GLY C 28 -9.63 15.48 28.60
C GLY C 28 -10.84 16.40 28.55
N GLU C 29 -11.78 16.15 29.46
CA GLU C 29 -13.03 16.91 29.49
C GLU C 29 -13.42 17.23 30.93
N THR C 30 -13.53 18.52 31.25
CA THR C 30 -13.92 18.98 32.58
C THR C 30 -15.16 19.87 32.53
N TYR C 31 -16.05 19.67 33.51
CA TYR C 31 -17.28 20.44 33.66
C TYR C 31 -18.14 20.50 32.39
N ARG C 32 -18.21 19.40 31.65
CA ARG C 32 -19.06 19.35 30.47
C ARG C 32 -20.50 19.18 30.94
N SER C 33 -21.32 20.20 30.74
CA SER C 33 -22.71 20.22 31.20
C SER C 33 -23.63 20.06 30.00
N TRP C 34 -24.53 19.07 30.04
CA TRP C 34 -25.38 18.81 28.90
C TRP C 34 -26.81 18.51 29.31
N TYR C 35 -27.74 19.05 28.53
CA TYR C 35 -29.19 18.88 28.66
C TYR C 35 -29.67 18.58 27.25
N GLN C 36 -30.00 17.32 27.00
CA GLN C 36 -30.39 16.86 25.68
C GLN C 36 -31.84 16.39 25.65
N GLN C 37 -32.59 16.91 24.68
CA GLN C 37 -34.01 16.61 24.48
C GLN C 37 -34.22 16.27 23.00
N LYS C 38 -34.25 14.96 22.67
CA LYS C 38 -34.42 14.50 21.29
C LYS C 38 -35.45 13.39 21.10
N PRO C 39 -36.72 13.65 21.38
CA PRO C 39 -37.74 12.62 21.16
C PRO C 39 -38.04 12.36 19.69
N GLY C 40 -38.46 11.13 19.40
CA GLY C 40 -38.87 10.72 18.05
C GLY C 40 -37.81 10.60 16.97
N GLN C 41 -36.71 9.92 17.29
CA GLN C 41 -35.57 9.68 16.40
C GLN C 41 -35.83 8.50 15.44
N SER C 42 -35.92 8.77 14.13
CA SER C 42 -36.25 7.74 13.13
C SER C 42 -35.32 7.69 11.89
N PRO C 43 -34.07 7.26 12.06
CA PRO C 43 -33.14 7.12 10.92
C PRO C 43 -33.41 5.92 9.99
N VAL C 44 -33.08 6.08 8.69
CA VAL C 44 -33.30 5.05 7.68
C VAL C 44 -32.10 4.85 6.74
N LEU C 45 -31.83 3.58 6.41
CA LEU C 45 -30.79 3.14 5.46
C LEU C 45 -31.25 1.92 4.66
N VAL C 46 -31.14 1.98 3.33
CA VAL C 46 -31.46 0.86 2.44
C VAL C 46 -30.32 0.58 1.46
N ILE C 47 -29.85 -0.67 1.43
CA ILE C 47 -28.75 -1.11 0.58
C ILE C 47 -29.21 -2.28 -0.30
N TYR C 48 -29.09 -2.12 -1.63
CA TYR C 48 -29.57 -3.14 -2.57
C TYR C 48 -28.57 -3.50 -3.68
N GLN C 49 -28.45 -4.81 -3.98
CA GLN C 49 -27.62 -5.32 -5.08
C GLN C 49 -28.29 -6.45 -5.84
N SER C 50 -28.22 -6.39 -7.16
CA SER C 50 -28.68 -7.47 -8.05
C SER C 50 -27.66 -7.68 -9.17
N SER C 51 -27.41 -8.94 -9.51
CA SER C 51 -26.45 -9.27 -10.56
C SER C 51 -26.91 -10.48 -11.38
N LYS C 52 -26.66 -10.46 -12.70
CA LYS C 52 -27.11 -11.53 -13.59
C LYS C 52 -26.10 -11.83 -14.69
N ARG C 53 -25.66 -13.11 -14.77
CA ARG C 53 -24.72 -13.73 -15.72
C ARG C 53 -23.37 -13.01 -15.85
N PRO C 54 -22.76 -12.55 -14.76
CA PRO C 54 -21.44 -11.92 -14.83
C PRO C 54 -20.31 -12.92 -15.04
N SER C 55 -19.17 -12.38 -15.49
CA SER C 55 -17.96 -13.17 -15.73
C SER C 55 -16.72 -12.33 -15.49
N GLY C 56 -15.61 -13.01 -15.16
CA GLY C 56 -14.33 -12.33 -14.87
C GLY C 56 -13.08 -13.12 -15.24
N ILE C 57 -12.14 -12.45 -15.90
CA ILE C 57 -10.91 -13.06 -16.40
C ILE C 57 -11.21 -14.29 -17.24
N PRO C 58 -12.07 -14.18 -18.23
CA PRO C 58 -12.40 -15.31 -19.11
C PRO C 58 -11.45 -15.46 -20.30
N GLY C 59 -10.16 -15.57 -20.01
CA GLY C 59 -9.16 -15.68 -21.08
C GLY C 59 -7.85 -16.30 -20.65
N ARG C 60 -6.74 -15.84 -21.21
CA ARG C 60 -5.44 -16.39 -20.84
C ARG C 60 -4.97 -15.85 -19.49
N PHE C 61 -3.87 -16.41 -19.02
CA PHE C 61 -3.36 -16.17 -17.67
C PHE C 61 -3.05 -14.71 -17.35
N SER C 62 -3.00 -14.45 -16.04
CA SER C 62 -2.53 -13.21 -15.44
C SER C 62 -1.33 -13.53 -14.57
N GLY C 63 -0.22 -12.82 -14.75
CA GLY C 63 0.93 -13.06 -13.89
C GLY C 63 0.59 -12.82 -12.43
N SER C 64 0.02 -11.65 -12.13
CA SER C 64 -0.48 -11.30 -10.81
C SER C 64 -1.72 -10.43 -10.96
N ASN C 65 -2.74 -10.63 -10.11
CA ASN C 65 -3.96 -9.83 -10.19
C ASN C 65 -4.63 -9.57 -8.84
N SER C 66 -4.70 -8.32 -8.39
CA SER C 66 -5.43 -7.97 -7.17
C SER C 66 -6.80 -7.36 -7.45
N GLY C 67 -7.12 -7.05 -8.72
CA GLY C 67 -8.38 -6.40 -9.08
C GLY C 67 -9.63 -7.28 -9.02
N ASN C 68 -10.78 -6.61 -8.87
CA ASN C 68 -12.08 -7.25 -8.73
C ASN C 68 -13.01 -7.04 -9.91
N THR C 69 -14.09 -7.81 -9.84
CA THR C 69 -15.29 -7.86 -10.65
C THR C 69 -16.36 -7.12 -9.85
N ALA C 70 -17.56 -6.95 -10.39
CA ALA C 70 -18.45 -5.95 -9.82
C ALA C 70 -18.96 -6.35 -8.44
N THR C 71 -18.46 -5.60 -7.44
CA THR C 71 -18.69 -5.74 -6.01
C THR C 71 -19.05 -4.40 -5.40
N LEU C 72 -19.46 -4.41 -4.13
CA LEU C 72 -19.86 -3.21 -3.42
C LEU C 72 -19.35 -3.24 -1.98
N THR C 73 -18.69 -2.15 -1.55
CA THR C 73 -18.17 -2.01 -0.18
C THR C 73 -18.70 -0.76 0.51
N ILE C 74 -19.20 -0.93 1.73
CA ILE C 74 -19.82 0.13 2.52
C ILE C 74 -19.10 0.26 3.87
N SER C 75 -18.58 1.46 4.19
CA SER C 75 -17.86 1.65 5.45
C SER C 75 -18.14 2.97 6.17
N GLY C 76 -18.46 2.87 7.47
CA GLY C 76 -18.67 4.02 8.35
C GLY C 76 -19.60 5.11 7.86
N THR C 77 -20.51 4.74 6.97
CA THR C 77 -21.35 5.70 6.26
C THR C 77 -22.30 6.53 7.11
N GLN C 78 -23.10 5.92 7.98
CA GLN C 78 -24.16 6.66 8.68
C GLN C 78 -24.07 6.66 10.21
N PRO C 79 -23.03 7.25 10.77
CA PRO C 79 -22.90 7.39 12.22
C PRO C 79 -23.75 8.54 12.72
N LEU C 80 -24.64 8.24 13.66
CA LEU C 80 -25.62 9.18 14.15
C LEU C 80 -25.18 10.05 15.32
N ASP C 81 -24.58 9.48 16.36
CA ASP C 81 -24.20 10.29 17.50
C ASP C 81 -23.01 9.69 18.25
N GLU C 82 -22.10 10.56 18.69
CA GLU C 82 -20.91 10.19 19.47
C GLU C 82 -20.14 8.99 18.88
N ALA C 83 -19.83 9.05 17.58
CA ALA C 83 -19.13 7.98 16.87
C ALA C 83 -17.66 8.32 16.61
N ASP C 84 -16.74 7.53 17.17
CA ASP C 84 -15.30 7.73 17.07
C ASP C 84 -14.58 6.61 16.33
N TYR C 85 -13.73 6.98 15.37
CA TYR C 85 -12.92 6.06 14.56
C TYR C 85 -11.45 6.51 14.66
N PHE C 86 -10.67 5.94 15.58
CA PHE C 86 -9.29 6.36 15.83
C PHE C 86 -8.27 5.30 15.38
N CYS C 87 -7.44 5.64 14.38
CA CYS C 87 -6.48 4.68 13.82
C CYS C 87 -7.21 3.39 13.48
N GLN C 88 -8.42 3.59 12.99
CA GLN C 88 -9.39 2.54 12.75
C GLN C 88 -9.01 1.50 11.71
N ALA C 89 -8.72 1.93 10.49
CA ALA C 89 -8.44 1.00 9.39
C ALA C 89 -7.04 1.15 8.81
N TRP C 90 -6.16 0.25 9.23
CA TRP C 90 -4.77 0.21 8.83
C TRP C 90 -4.54 -1.03 7.98
N ASP C 91 -4.25 -0.82 6.71
CA ASP C 91 -4.07 -1.90 5.73
C ASP C 91 -2.67 -1.81 5.13
N PHE C 92 -1.83 -2.80 5.41
CA PHE C 92 -0.47 -2.89 4.90
C PHE C 92 -0.31 -4.13 4.03
N THR C 93 0.15 -3.93 2.79
CA THR C 93 0.41 -5.01 1.84
C THR C 93 1.85 -4.96 1.37
N SER C 94 2.68 -5.89 1.85
CA SER C 94 4.10 -5.95 1.52
C SER C 94 4.49 -7.24 0.79
N VAL C 95 5.04 -7.10 -0.41
CA VAL C 95 5.48 -8.23 -1.23
C VAL C 95 6.93 -8.06 -1.65
N VAL C 96 7.77 -9.06 -1.40
CA VAL C 96 9.15 -9.02 -1.86
C VAL C 96 9.25 -9.42 -3.33
N PHE C 97 8.74 -10.60 -3.66
CA PHE C 97 8.65 -11.09 -5.03
C PHE C 97 7.21 -11.46 -5.34
N GLY C 98 6.67 -10.87 -6.39
CA GLY C 98 5.30 -11.13 -6.76
C GLY C 98 5.09 -12.51 -7.35
N GLY C 99 3.84 -12.75 -7.75
CA GLY C 99 3.48 -14.02 -8.34
C GLY C 99 3.95 -14.13 -9.78
N GLY C 100 4.10 -15.37 -10.22
CA GLY C 100 4.55 -15.61 -11.58
C GLY C 100 5.93 -15.09 -11.89
N THR C 101 6.85 -15.19 -10.94
CA THR C 101 8.22 -14.71 -11.10
C THR C 101 9.18 -15.90 -11.21
N LYS C 102 10.19 -15.78 -12.09
CA LYS C 102 11.18 -16.82 -12.31
C LYS C 102 12.55 -16.32 -11.93
N LEU C 103 13.15 -16.97 -10.94
CA LEU C 103 14.52 -16.70 -10.52
C LEU C 103 15.30 -17.95 -10.90
N THR C 104 16.20 -17.83 -11.87
CA THR C 104 17.03 -18.95 -12.33
C THR C 104 18.47 -18.52 -12.17
N VAL C 105 19.06 -18.86 -11.02
CA VAL C 105 20.45 -18.54 -10.74
C VAL C 105 21.25 -19.75 -11.23
N LEU C 106 21.90 -19.58 -12.37
CA LEU C 106 22.61 -20.65 -13.05
C LEU C 106 24.10 -20.30 -12.98
N GLY C 107 24.69 -20.67 -11.85
CA GLY C 107 26.06 -20.37 -11.49
C GLY C 107 27.02 -21.53 -11.70
N GLN C 108 27.85 -21.45 -12.73
CA GLN C 108 28.83 -22.48 -13.04
C GLN C 108 30.27 -21.97 -13.20
N PRO C 109 30.80 -21.30 -12.15
CA PRO C 109 32.19 -20.83 -12.11
C PRO C 109 33.26 -21.90 -12.32
N LYS C 110 34.38 -21.45 -12.88
CA LYS C 110 35.61 -22.24 -13.03
C LYS C 110 36.76 -21.39 -12.48
N ALA C 111 37.46 -21.88 -11.45
CA ALA C 111 38.53 -21.08 -10.81
C ALA C 111 39.69 -21.94 -10.31
N ALA C 112 40.87 -21.83 -10.94
CA ALA C 112 42.05 -22.63 -10.60
C ALA C 112 43.34 -21.83 -10.31
N PRO C 113 43.39 -21.07 -9.22
CA PRO C 113 44.62 -20.33 -8.86
C PRO C 113 45.66 -21.24 -8.20
N SER C 114 46.87 -20.70 -8.06
CA SER C 114 47.96 -21.42 -7.39
C SER C 114 48.98 -20.46 -6.78
N VAL C 115 49.68 -20.94 -5.75
CA VAL C 115 50.72 -20.17 -5.05
C VAL C 115 51.99 -21.02 -4.94
N THR C 116 53.09 -20.49 -5.47
CA THR C 116 54.40 -21.13 -5.48
C THR C 116 55.40 -20.36 -4.62
N LEU C 117 55.76 -20.91 -3.45
CA LEU C 117 56.68 -20.23 -2.55
C LEU C 117 57.74 -21.18 -2.03
N SER D 1 57.02 -2.84 -0.45
CA SER D 1 55.55 -3.11 -0.47
C SER D 1 54.85 -2.26 -1.54
N PHE D 2 53.94 -2.87 -2.28
CA PHE D 2 53.20 -2.21 -3.35
C PHE D 2 51.70 -2.45 -3.21
N GLU D 3 50.92 -1.53 -3.79
CA GLU D 3 49.47 -1.65 -3.82
C GLU D 3 48.92 -1.51 -5.23
N LEU D 4 48.29 -2.59 -5.71
CA LEU D 4 47.62 -2.66 -7.01
C LEU D 4 46.16 -3.00 -6.77
N THR D 5 45.24 -2.13 -7.21
CA THR D 5 43.82 -2.38 -7.01
C THR D 5 42.99 -1.89 -8.19
N GLN D 6 42.09 -2.74 -8.68
CA GLN D 6 41.22 -2.40 -9.81
C GLN D 6 39.79 -2.85 -9.54
N PRO D 7 39.05 -2.10 -8.72
CA PRO D 7 37.66 -2.45 -8.40
C PRO D 7 36.66 -2.16 -9.53
N SER D 8 36.72 -2.93 -10.61
CA SER D 8 35.80 -2.73 -11.72
C SER D 8 34.37 -2.88 -11.23
N SER D 9 33.59 -1.81 -11.33
CA SER D 9 32.25 -1.75 -10.75
C SER D 9 31.19 -1.36 -11.78
N VAL D 10 30.41 -2.35 -12.20
CA VAL D 10 29.29 -2.11 -13.08
C VAL D 10 28.08 -2.19 -12.16
N SER D 11 27.66 -1.04 -11.63
CA SER D 11 26.58 -1.04 -10.64
C SER D 11 25.52 0.03 -10.91
N VAL D 12 24.27 -0.38 -10.72
CA VAL D 12 23.08 0.45 -10.87
C VAL D 12 22.41 0.50 -9.49
N SER D 13 22.52 1.62 -8.74
CA SER D 13 21.92 1.70 -7.40
C SER D 13 21.32 3.07 -7.07
N PRO D 14 20.28 3.48 -7.77
CA PRO D 14 19.62 4.75 -7.46
C PRO D 14 18.75 4.68 -6.21
N GLY D 15 18.67 5.79 -5.47
CA GLY D 15 17.85 5.81 -4.24
C GLY D 15 17.38 7.16 -3.72
N GLN D 16 16.14 7.23 -3.23
CA GLN D 16 15.52 8.45 -2.72
C GLN D 16 15.20 8.45 -1.23
N THR D 17 15.50 9.58 -0.57
CA THR D 17 15.27 9.82 0.86
C THR D 17 14.28 10.96 1.03
N ALA D 18 13.24 10.77 1.86
CA ALA D 18 12.21 11.78 2.02
C ALA D 18 11.76 12.04 3.47
N ASN D 19 11.59 13.33 3.82
CA ASN D 19 11.02 13.82 5.08
C ASN D 19 9.63 14.40 4.84
N ILE D 20 8.59 13.82 5.44
CA ILE D 20 7.21 14.30 5.27
C ILE D 20 6.58 14.62 6.63
N THR D 21 6.05 15.84 6.81
CA THR D 21 5.46 16.23 8.11
C THR D 21 4.34 17.28 8.06
N CYS D 22 3.27 17.06 8.86
CA CYS D 22 2.14 17.98 9.04
C CYS D 22 1.78 18.20 10.51
N SER D 23 1.57 19.48 10.88
CA SER D 23 1.11 19.89 12.20
C SER D 23 -0.17 20.72 12.05
N GLY D 24 -1.25 20.27 12.70
CA GLY D 24 -2.52 20.96 12.60
C GLY D 24 -2.56 22.34 13.22
N GLY D 25 -1.49 22.77 13.85
CA GLY D 25 -1.43 24.08 14.49
C GLY D 25 -2.11 24.11 15.85
N TYR D 26 -2.43 25.33 16.28
CA TYR D 26 -3.10 25.61 17.54
C TYR D 26 -4.51 26.12 17.28
N LEU D 27 -5.52 25.37 17.70
CA LEU D 27 -6.92 25.73 17.56
C LEU D 27 -7.45 26.02 18.97
N GLY D 28 -7.40 27.29 19.36
CA GLY D 28 -7.82 27.74 20.69
C GLY D 28 -9.05 28.64 20.60
N GLU D 29 -10.01 28.38 21.49
CA GLU D 29 -11.27 29.12 21.47
C GLU D 29 -11.72 29.42 22.89
N THR D 30 -11.86 30.71 23.21
CA THR D 30 -12.30 31.16 24.53
C THR D 30 -13.55 32.04 24.44
N TYR D 31 -14.45 31.83 25.40
CA TYR D 31 -15.71 32.58 25.50
C TYR D 31 -16.53 32.62 24.21
N ARG D 32 -16.55 31.52 23.47
CA ARG D 32 -17.37 31.45 22.25
C ARG D 32 -18.82 31.26 22.68
N SER D 33 -19.65 32.27 22.46
CA SER D 33 -21.05 32.26 22.86
C SER D 33 -21.94 32.10 21.64
N TRP D 34 -22.82 31.10 21.65
CA TRP D 34 -23.62 30.81 20.48
C TRP D 34 -25.07 30.49 20.84
N TYR D 35 -25.98 31.02 20.02
CA TYR D 35 -27.42 30.83 20.12
C TYR D 35 -27.85 30.52 18.70
N GLN D 36 -28.16 29.26 18.44
CA GLN D 36 -28.51 28.79 17.11
C GLN D 36 -29.94 28.30 17.02
N GLN D 37 -30.66 28.80 16.03
CA GLN D 37 -32.07 28.48 15.79
C GLN D 37 -32.23 28.13 14.30
N LYS D 38 -32.24 26.83 13.97
CA LYS D 38 -32.34 26.36 12.58
C LYS D 38 -33.36 25.23 12.37
N PRO D 39 -34.63 25.47 12.61
CA PRO D 39 -35.64 24.42 12.36
C PRO D 39 -35.87 24.16 10.87
N GLY D 40 -36.27 22.92 10.56
CA GLY D 40 -36.63 22.51 9.22
C GLY D 40 -35.54 22.41 8.16
N GLN D 41 -34.43 21.75 8.52
CA GLN D 41 -33.27 21.52 7.67
C GLN D 41 -33.47 20.34 6.70
N SER D 42 -33.52 20.61 5.38
CA SER D 42 -33.80 19.57 4.38
C SER D 42 -32.84 19.54 3.17
N PRO D 43 -31.58 19.12 3.37
CA PRO D 43 -30.61 19.00 2.26
C PRO D 43 -30.83 17.80 1.34
N VAL D 44 -30.47 17.96 0.05
CA VAL D 44 -30.64 16.93 -0.98
C VAL D 44 -29.41 16.74 -1.88
N LEU D 45 -29.10 15.47 -2.19
CA LEU D 45 -28.03 15.06 -3.11
C LEU D 45 -28.44 13.83 -3.92
N VAL D 46 -28.29 13.89 -5.24
CA VAL D 46 -28.57 12.77 -6.15
C VAL D 46 -27.39 12.50 -7.09
N ILE D 47 -26.90 11.26 -7.10
CA ILE D 47 -25.76 10.84 -7.92
C ILE D 47 -26.17 9.67 -8.81
N TYR D 48 -26.01 9.82 -10.14
CA TYR D 48 -26.44 8.80 -11.09
C TYR D 48 -25.40 8.45 -12.17
N GLN D 49 -25.26 7.15 -12.46
CA GLN D 49 -24.38 6.65 -13.53
C GLN D 49 -25.02 5.50 -14.31
N SER D 50 -24.91 5.56 -15.63
CA SER D 50 -25.31 4.48 -16.53
C SER D 50 -24.27 4.29 -17.62
N SER D 51 -23.97 3.03 -17.95
CA SER D 51 -22.98 2.72 -18.97
C SER D 51 -23.39 1.50 -19.81
N LYS D 52 -23.10 1.53 -21.11
CA LYS D 52 -23.50 0.44 -22.02
C LYS D 52 -22.44 0.16 -23.09
N ARG D 53 -21.99 -1.12 -23.15
CA ARG D 53 -21.01 -1.71 -24.06
C ARG D 53 -19.67 -0.98 -24.17
N PRO D 54 -19.10 -0.51 -23.05
CA PRO D 54 -17.79 0.15 -23.08
C PRO D 54 -16.63 -0.83 -23.25
N SER D 55 -15.49 -0.28 -23.67
CA SER D 55 -14.26 -1.05 -23.86
C SER D 55 -13.03 -0.19 -23.58
N GLY D 56 -11.93 -0.85 -23.21
CA GLY D 56 -10.68 -0.16 -22.90
C GLY D 56 -9.41 -0.92 -23.21
N ILE D 57 -8.46 -0.23 -23.84
CA ILE D 57 -7.19 -0.82 -24.30
C ILE D 57 -7.45 -2.06 -25.16
N PRO D 58 -8.28 -1.96 -26.18
CA PRO D 58 -8.56 -3.10 -27.06
C PRO D 58 -7.58 -3.24 -28.22
N GLY D 59 -6.29 -3.32 -27.89
CA GLY D 59 -5.26 -3.42 -28.92
C GLY D 59 -3.95 -4.02 -28.45
N ARG D 60 -2.83 -3.53 -28.98
CA ARG D 60 -1.54 -4.07 -28.57
C ARG D 60 -1.12 -3.51 -27.20
N PHE D 61 -0.02 -4.06 -26.69
CA PHE D 61 0.44 -3.80 -25.33
C PHE D 61 0.71 -2.34 -24.99
N SER D 62 0.72 -2.09 -23.69
CA SER D 62 1.15 -0.84 -23.08
C SER D 62 2.33 -1.15 -22.16
N GLY D 63 3.43 -0.41 -22.31
CA GLY D 63 4.55 -0.63 -21.42
C GLY D 63 4.15 -0.40 -19.97
N SER D 64 3.56 0.76 -19.69
CA SER D 64 3.01 1.10 -18.38
C SER D 64 1.77 1.96 -18.58
N ASN D 65 0.72 1.73 -17.77
CA ASN D 65 -0.51 2.52 -17.88
C ASN D 65 -1.22 2.76 -16.55
N SER D 66 -1.32 4.02 -16.10
CA SER D 66 -2.10 4.35 -14.91
C SER D 66 -3.47 4.94 -15.23
N GLY D 67 -3.75 5.24 -16.52
CA GLY D 67 -5.01 5.89 -16.91
C GLY D 67 -6.24 4.99 -16.90
N ASN D 68 -7.41 5.63 -16.79
CA ASN D 68 -8.70 4.97 -16.68
C ASN D 68 -9.61 5.16 -17.90
N THR D 69 -10.67 4.37 -17.85
CA THR D 69 -11.84 4.31 -18.71
C THR D 69 -12.95 5.03 -17.94
N ALA D 70 -14.13 5.18 -18.52
CA ALA D 70 -15.05 6.17 -17.98
C ALA D 70 -15.60 5.76 -16.61
N THR D 71 -15.16 6.52 -15.60
CA THR D 71 -15.42 6.37 -14.18
C THR D 71 -15.83 7.71 -13.58
N LEU D 72 -16.27 7.69 -12.32
CA LEU D 72 -16.72 8.88 -11.63
C LEU D 72 -16.25 8.86 -10.17
N THR D 73 -15.62 9.96 -9.72
CA THR D 73 -15.15 10.11 -8.35
C THR D 73 -15.73 11.34 -7.67
N ILE D 74 -16.26 11.17 -6.46
CA ILE D 74 -16.92 12.22 -5.68
C ILE D 74 -16.26 12.37 -4.32
N SER D 75 -15.77 13.57 -3.99
CA SER D 75 -15.09 13.77 -2.70
C SER D 75 -15.41 15.09 -1.99
N GLY D 76 -15.77 14.99 -0.70
CA GLY D 76 -16.02 16.13 0.18
C GLY D 76 -16.96 17.21 -0.35
N THR D 77 -17.83 16.82 -1.26
CA THR D 77 -18.66 17.76 -2.01
C THR D 77 -19.65 18.58 -1.19
N GLN D 78 -20.48 17.96 -0.34
CA GLN D 78 -21.57 18.68 0.32
C GLN D 78 -21.53 18.69 1.85
N PRO D 79 -20.50 19.30 2.44
CA PRO D 79 -20.42 19.44 3.90
C PRO D 79 -21.32 20.56 4.37
N LEU D 80 -22.23 20.25 5.28
CA LEU D 80 -23.24 21.19 5.74
C LEU D 80 -22.85 22.06 6.93
N ASP D 81 -22.28 21.50 7.98
CA ASP D 81 -21.94 22.32 9.14
C ASP D 81 -20.76 21.74 9.92
N GLU D 82 -19.89 22.62 10.39
CA GLU D 82 -18.72 22.26 11.21
C GLU D 82 -17.91 21.08 10.65
N ALA D 83 -17.56 21.15 9.36
CA ALA D 83 -16.81 20.08 8.67
C ALA D 83 -15.35 20.45 8.45
N ASP D 84 -14.44 19.67 9.05
CA ASP D 84 -12.99 19.91 8.99
C ASP D 84 -12.23 18.78 8.27
N TYR D 85 -11.36 19.17 7.35
CA TYR D 85 -10.51 18.27 6.56
C TYR D 85 -9.05 18.74 6.71
N PHE D 86 -8.29 18.19 7.66
CA PHE D 86 -6.93 18.62 7.95
C PHE D 86 -5.87 17.58 7.52
N CYS D 87 -5.02 17.94 6.55
CA CYS D 87 -4.02 17.00 6.03
C CYS D 87 -4.72 15.69 5.65
N GLN D 88 -5.92 15.87 5.13
CA GLN D 88 -6.87 14.81 4.88
C GLN D 88 -6.43 13.77 3.83
N ALA D 89 -6.11 14.20 2.63
CA ALA D 89 -5.78 13.27 1.54
C ALA D 89 -4.37 13.45 1.00
N TRP D 90 -3.49 12.56 1.45
CA TRP D 90 -2.08 12.55 1.10
C TRP D 90 -1.81 11.31 0.26
N ASP D 91 -1.48 11.52 -1.01
CA ASP D 91 -1.26 10.45 -1.98
C ASP D 91 0.16 10.56 -2.53
N PHE D 92 1.01 9.58 -2.22
CA PHE D 92 2.39 9.52 -2.68
C PHE D 92 2.60 8.28 -3.56
N THR D 93 3.09 8.49 -4.78
CA THR D 93 3.39 7.41 -5.72
C THR D 93 4.86 7.48 -6.14
N SER D 94 5.68 6.56 -5.64
CA SER D 94 7.12 6.53 -5.91
C SER D 94 7.54 5.25 -6.63
N VAL D 95 8.13 5.40 -7.83
CA VAL D 95 8.62 4.27 -8.63
C VAL D 95 10.08 4.47 -9.00
N VAL D 96 10.92 3.48 -8.72
CA VAL D 96 12.32 3.55 -9.13
C VAL D 96 12.47 3.14 -10.59
N PHE D 97 11.99 1.95 -10.94
CA PHE D 97 11.96 1.46 -12.32
C PHE D 97 10.53 1.07 -12.66
N GLY D 98 10.01 1.64 -13.74
CA GLY D 98 8.66 1.37 -14.15
C GLY D 98 8.49 -0.01 -14.75
N GLY D 99 7.27 -0.27 -15.18
CA GLY D 99 6.95 -1.55 -15.79
C GLY D 99 7.46 -1.65 -17.21
N GLY D 100 7.64 -2.89 -17.64
CA GLY D 100 8.14 -3.13 -18.99
C GLY D 100 9.52 -2.57 -19.26
N THR D 101 10.41 -2.67 -18.28
CA THR D 101 11.78 -2.16 -18.40
C THR D 101 12.76 -3.34 -18.48
N LYS D 102 13.78 -3.20 -19.32
CA LYS D 102 14.81 -4.22 -19.51
C LYS D 102 16.16 -3.71 -19.08
N LEU D 103 16.74 -4.34 -18.06
CA LEU D 103 18.09 -4.05 -17.62
C LEU D 103 18.90 -5.29 -17.97
N THR D 104 19.83 -5.15 -18.91
CA THR D 104 20.69 -6.26 -19.35
C THR D 104 22.12 -5.81 -19.13
N VAL D 105 22.67 -6.13 -17.97
CA VAL D 105 24.05 -5.80 -17.64
C VAL D 105 24.88 -6.99 -18.10
N LEU D 106 25.57 -6.81 -19.23
CA LEU D 106 26.32 -7.87 -19.88
C LEU D 106 27.80 -7.49 -19.75
N GLY D 107 28.35 -7.85 -18.61
CA GLY D 107 29.71 -7.53 -18.20
C GLY D 107 30.70 -8.67 -18.39
N GLN D 108 31.55 -8.58 -19.39
CA GLN D 108 32.56 -9.60 -19.67
C GLN D 108 33.99 -9.06 -19.78
N PRO D 109 34.47 -8.39 -18.71
CA PRO D 109 35.86 -7.90 -18.63
C PRO D 109 36.95 -8.94 -18.81
N LYS D 110 38.08 -8.48 -19.34
CA LYS D 110 39.33 -9.24 -19.44
C LYS D 110 40.44 -8.39 -18.85
N ALA D 111 41.13 -8.86 -17.79
CA ALA D 111 42.16 -8.04 -17.13
C ALA D 111 43.32 -8.89 -16.59
N ALA D 112 44.51 -8.75 -17.18
CA ALA D 112 45.70 -9.53 -16.81
C ALA D 112 46.96 -8.71 -16.48
N PRO D 113 46.97 -7.95 -15.38
CA PRO D 113 48.18 -7.20 -14.99
C PRO D 113 49.20 -8.09 -14.29
N SER D 114 50.41 -7.53 -14.11
CA SER D 114 51.48 -8.23 -13.41
C SER D 114 52.46 -7.26 -12.77
N VAL D 115 53.13 -7.71 -11.72
CA VAL D 115 54.14 -6.94 -10.98
C VAL D 115 55.41 -7.76 -10.83
N THR D 116 56.53 -7.21 -11.32
CA THR D 116 57.86 -7.84 -11.29
C THR D 116 58.81 -7.05 -10.40
N LEU D 117 59.14 -7.59 -9.23
CA LEU D 117 60.03 -6.89 -8.29
C LEU D 117 61.07 -7.84 -7.74
N SER E 1 52.97 -20.59 7.48
CA SER E 1 51.50 -20.83 7.51
C SER E 1 50.79 -19.96 6.48
N PHE E 2 49.83 -20.56 5.77
CA PHE E 2 49.06 -19.88 4.74
C PHE E 2 47.56 -20.08 4.93
N GLU E 3 46.78 -19.15 4.39
CA GLU E 3 45.32 -19.24 4.42
C GLU E 3 44.73 -19.07 3.03
N LEU E 4 44.05 -20.13 2.58
CA LEU E 4 43.33 -20.20 1.30
C LEU E 4 41.87 -20.50 1.60
N THR E 5 40.96 -19.61 1.20
CA THR E 5 39.54 -19.84 1.47
C THR E 5 38.68 -19.32 0.32
N GLN E 6 37.74 -20.14 -0.14
CA GLN E 6 36.82 -19.78 -1.23
C GLN E 6 35.39 -20.20 -0.92
N PRO E 7 34.70 -19.44 -0.05
CA PRO E 7 33.32 -19.75 0.32
C PRO E 7 32.29 -19.44 -0.77
N SER E 8 32.29 -20.21 -1.85
CA SER E 8 31.32 -19.98 -2.93
C SER E 8 29.91 -20.11 -2.36
N SER E 9 29.16 -19.02 -2.44
CA SER E 9 27.84 -18.92 -1.82
C SER E 9 26.75 -18.52 -2.80
N VAL E 10 25.93 -19.48 -3.19
CA VAL E 10 24.78 -19.22 -4.03
C VAL E 10 23.61 -19.27 -3.06
N SER E 11 23.24 -18.11 -2.50
CA SER E 11 22.20 -18.09 -1.48
C SER E 11 21.16 -16.99 -1.69
N VAL E 12 19.90 -17.37 -1.45
CA VAL E 12 18.73 -16.52 -1.55
C VAL E 12 18.12 -16.46 -0.15
N SER E 13 18.29 -15.35 0.59
CA SER E 13 17.75 -15.25 1.95
C SER E 13 17.18 -13.87 2.32
N PRO E 14 16.12 -13.43 1.65
CA PRO E 14 15.50 -12.15 1.99
C PRO E 14 14.68 -12.21 3.28
N GLY E 15 14.66 -11.10 4.03
CA GLY E 15 13.90 -11.06 5.29
C GLY E 15 13.48 -9.70 5.82
N GLN E 16 12.25 -9.60 6.36
CA GLN E 16 11.68 -8.36 6.89
C GLN E 16 11.43 -8.37 8.41
N THR E 17 11.78 -7.25 9.05
CA THR E 17 11.61 -7.00 10.48
C THR E 17 10.64 -5.83 10.71
N ALA E 18 9.64 -6.01 11.57
CA ALA E 18 8.64 -4.97 11.78
C ALA E 18 8.26 -4.72 13.24
N ASN E 19 8.13 -3.42 13.59
CA ASN E 19 7.63 -2.92 14.88
C ASN E 19 6.24 -2.30 14.70
N ILE E 20 5.22 -2.86 15.34
CA ILE E 20 3.84 -2.35 15.22
C ILE E 20 3.27 -2.02 16.61
N THR E 21 2.78 -0.78 16.81
CA THR E 21 2.25 -0.39 18.13
C THR E 21 1.15 0.70 18.13
N CYS E 22 0.10 0.49 18.97
CA CYS E 22 -1.00 1.44 19.20
C CYS E 22 -1.29 1.67 20.68
N SER E 23 -1.45 2.94 21.06
CA SER E 23 -1.85 3.36 22.41
C SER E 23 -3.11 4.22 22.31
N GLY E 24 -4.18 3.79 22.99
CA GLY E 24 -5.44 4.52 22.95
C GLY E 24 -5.42 5.90 23.57
N GLY E 25 -4.31 6.30 24.17
CA GLY E 25 -4.19 7.59 24.80
C GLY E 25 -4.82 7.65 26.19
N TYR E 26 -5.10 8.88 26.62
CA TYR E 26 -5.72 9.16 27.91
C TYR E 26 -7.12 9.71 27.70
N LEU E 27 -8.12 8.99 28.18
CA LEU E 27 -9.52 9.37 28.08
C LEU E 27 -9.99 9.68 29.51
N GLY E 28 -9.89 10.94 29.90
CA GLY E 28 -10.25 11.40 31.24
C GLY E 28 -11.46 12.32 31.21
N GLU E 29 -12.39 12.09 32.14
CA GLU E 29 -13.63 12.84 32.17
C GLU E 29 -14.01 13.17 33.61
N THR E 30 -14.11 14.45 33.93
CA THR E 30 -14.48 14.92 35.27
C THR E 30 -15.72 15.81 35.23
N TYR E 31 -16.59 15.63 36.23
CA TYR E 31 -17.83 16.40 36.38
C TYR E 31 -18.70 16.47 35.12
N ARG E 32 -18.78 15.37 34.38
CA ARG E 32 -19.64 15.32 33.21
C ARG E 32 -21.08 15.16 33.69
N SER E 33 -21.90 16.18 33.50
CA SER E 33 -23.28 16.21 33.96
C SER E 33 -24.22 16.08 32.77
N TRP E 34 -25.11 15.10 32.82
CA TRP E 34 -25.98 14.83 31.69
C TRP E 34 -27.41 14.53 32.11
N TYR E 35 -28.33 15.09 31.32
CA TYR E 35 -29.78 14.93 31.48
C TYR E 35 -30.28 14.62 30.08
N GLN E 36 -30.63 13.38 29.83
CA GLN E 36 -31.03 12.92 28.51
C GLN E 36 -32.47 12.46 28.48
N GLN E 37 -33.24 12.99 27.52
CA GLN E 37 -34.65 12.69 27.33
C GLN E 37 -34.88 12.35 25.86
N LYS E 38 -34.93 11.05 25.52
CA LYS E 38 -35.11 10.59 24.14
C LYS E 38 -36.15 9.48 23.97
N PRO E 39 -37.42 9.76 24.26
CA PRO E 39 -38.45 8.72 24.05
C PRO E 39 -38.75 8.48 22.57
N GLY E 40 -39.19 7.25 22.28
CA GLY E 40 -39.61 6.84 20.95
C GLY E 40 -38.56 6.72 19.85
N GLN E 41 -37.46 6.03 20.16
CA GLN E 41 -36.34 5.78 19.26
C GLN E 41 -36.60 4.61 18.30
N SER E 42 -36.70 4.87 16.99
CA SER E 42 -37.05 3.85 15.99
C SER E 42 -36.13 3.80 14.75
N PRO E 43 -34.89 3.35 14.90
CA PRO E 43 -33.96 3.21 13.75
C PRO E 43 -34.24 2.02 12.83
N VAL E 44 -33.93 2.18 11.53
CA VAL E 44 -34.16 1.14 10.52
C VAL E 44 -32.97 0.94 9.57
N LEU E 45 -32.71 -0.34 9.23
CA LEU E 45 -31.69 -0.78 8.28
C LEU E 45 -32.16 -2.00 7.49
N VAL E 46 -32.06 -1.94 6.15
CA VAL E 46 -32.39 -3.05 5.25
C VAL E 46 -31.26 -3.34 4.27
N ILE E 47 -30.80 -4.59 4.24
CA ILE E 47 -29.71 -5.04 3.38
C ILE E 47 -30.18 -6.19 2.50
N TYR E 48 -30.07 -6.05 1.17
CA TYR E 48 -30.57 -7.05 0.23
C TYR E 48 -29.58 -7.43 -0.89
N GLN E 49 -29.47 -8.73 -1.19
CA GLN E 49 -28.66 -9.24 -2.30
C GLN E 49 -29.35 -10.36 -3.05
N SER E 50 -29.28 -10.31 -4.38
CA SER E 50 -29.75 -11.39 -5.26
C SER E 50 -28.76 -11.60 -6.39
N SER E 51 -28.50 -12.86 -6.74
CA SER E 51 -27.56 -13.20 -7.80
C SER E 51 -28.03 -14.40 -8.61
N LYS E 52 -27.78 -14.38 -9.93
CA LYS E 52 -28.26 -15.45 -10.81
C LYS E 52 -27.24 -15.76 -11.93
N ARG E 53 -26.83 -17.03 -12.01
CA ARG E 53 -25.90 -17.66 -12.97
C ARG E 53 -24.55 -16.95 -13.12
N PRO E 54 -23.93 -16.49 -12.03
CA PRO E 54 -22.60 -15.87 -12.11
C PRO E 54 -21.48 -16.88 -12.32
N SER E 55 -20.33 -16.36 -12.78
CA SER E 55 -19.14 -17.15 -13.04
C SER E 55 -17.87 -16.32 -12.81
N GLY E 56 -16.78 -16.99 -12.48
CA GLY E 56 -15.50 -16.34 -12.20
C GLY E 56 -14.26 -17.13 -12.58
N ILE E 57 -13.32 -16.47 -13.25
CA ILE E 57 -12.09 -17.08 -13.76
C ILE E 57 -12.40 -18.31 -14.61
N PRO E 58 -13.27 -18.18 -15.59
CA PRO E 58 -13.62 -19.31 -16.46
C PRO E 58 -12.67 -19.48 -17.66
N GLY E 59 -11.38 -19.60 -17.39
CA GLY E 59 -10.41 -19.71 -18.46
C GLY E 59 -9.09 -20.35 -18.05
N ARG E 60 -7.97 -19.88 -18.61
CA ARG E 60 -6.68 -20.45 -18.25
C ARG E 60 -6.20 -19.91 -16.91
N PHE E 61 -5.09 -20.48 -16.43
CA PHE E 61 -4.57 -20.24 -15.10
C PHE E 61 -4.25 -18.79 -14.78
N SER E 62 -4.18 -18.53 -13.47
CA SER E 62 -3.70 -17.29 -12.87
C SER E 62 -2.49 -17.62 -12.00
N GLY E 63 -1.38 -16.92 -12.20
CA GLY E 63 -0.24 -17.16 -11.35
C GLY E 63 -0.56 -16.93 -9.88
N SER E 64 -1.11 -15.76 -9.58
CA SER E 64 -1.60 -15.40 -8.26
C SER E 64 -2.84 -14.52 -8.40
N ASN E 65 -3.86 -14.72 -7.54
CA ASN E 65 -5.07 -13.91 -7.61
C ASN E 65 -5.72 -13.65 -6.25
N SER E 66 -5.78 -12.39 -5.80
CA SER E 66 -6.50 -12.04 -4.57
C SER E 66 -7.87 -11.42 -4.84
N GLY E 67 -8.20 -11.12 -6.11
CA GLY E 67 -9.45 -10.44 -6.45
C GLY E 67 -10.71 -11.31 -6.39
N ASN E 68 -11.85 -10.64 -6.23
CA ASN E 68 -13.16 -11.27 -6.08
C ASN E 68 -14.10 -11.05 -7.25
N THR E 69 -15.18 -11.82 -7.16
CA THR E 69 -16.39 -11.86 -7.98
C THR E 69 -17.44 -11.11 -7.17
N ALA E 70 -18.65 -10.94 -7.70
CA ALA E 70 -19.52 -9.93 -7.11
C ALA E 70 -20.02 -10.33 -5.73
N THR E 71 -19.52 -9.59 -4.74
CA THR E 71 -19.73 -9.73 -3.30
C THR E 71 -20.08 -8.38 -2.68
N LEU E 72 -20.49 -8.39 -1.41
CA LEU E 72 -20.87 -7.19 -0.69
C LEU E 72 -20.34 -7.22 0.73
N THR E 73 -19.67 -6.15 1.16
CA THR E 73 -19.14 -6.00 2.52
C THR E 73 -19.67 -4.75 3.22
N ILE E 74 -20.14 -4.92 4.45
CA ILE E 74 -20.76 -3.87 5.25
C ILE E 74 -20.03 -3.73 6.59
N SER E 75 -19.50 -2.54 6.90
CA SER E 75 -18.76 -2.36 8.16
C SER E 75 -19.03 -1.04 8.88
N GLY E 76 -19.34 -1.14 10.19
CA GLY E 76 -19.53 0.02 11.07
C GLY E 76 -20.46 1.12 10.59
N THR E 77 -21.38 0.74 9.71
CA THR E 77 -22.22 1.72 9.00
C THR E 77 -23.16 2.55 9.86
N GLN E 78 -23.96 1.94 10.74
CA GLN E 78 -25.00 2.69 11.45
C GLN E 78 -24.91 2.70 12.97
N PRO E 79 -23.84 3.28 13.52
CA PRO E 79 -23.70 3.41 14.98
C PRO E 79 -24.55 4.56 15.48
N LEU E 80 -25.43 4.27 16.42
CA LEU E 80 -26.41 5.22 16.93
C LEU E 80 -25.95 6.08 18.10
N ASP E 81 -25.35 5.50 19.13
CA ASP E 81 -24.94 6.31 20.28
C ASP E 81 -23.75 5.71 21.00
N GLU E 82 -22.84 6.58 21.44
CA GLU E 82 -21.64 6.19 22.21
C GLU E 82 -20.89 4.99 21.62
N ALA E 83 -20.58 5.06 20.32
CA ALA E 83 -19.90 3.97 19.60
C ALA E 83 -18.43 4.31 19.32
N ASP E 84 -17.51 3.50 19.87
CA ASP E 84 -16.07 3.70 19.77
C ASP E 84 -15.37 2.57 19.01
N TYR E 85 -14.51 2.94 18.05
CA TYR E 85 -13.71 2.02 17.23
C TYR E 85 -12.24 2.46 17.32
N PHE E 86 -11.46 1.88 18.23
CA PHE E 86 -10.07 2.28 18.47
C PHE E 86 -9.07 1.22 18.00
N CYS E 87 -8.24 1.56 17.00
CA CYS E 87 -7.29 0.60 16.44
C CYS E 87 -8.03 -0.69 16.09
N GLN E 88 -9.25 -0.48 15.61
CA GLN E 88 -10.23 -1.52 15.39
C GLN E 88 -9.86 -2.57 14.34
N ALA E 89 -9.58 -2.14 13.11
CA ALA E 89 -9.32 -3.08 12.02
C ALA E 89 -7.92 -2.93 11.43
N TRP E 90 -7.05 -3.84 11.83
CA TRP E 90 -5.64 -3.88 11.43
C TRP E 90 -5.44 -5.12 10.58
N ASP E 91 -5.17 -4.92 9.30
CA ASP E 91 -5.00 -5.99 8.33
C ASP E 91 -3.60 -5.92 7.70
N PHE E 92 -2.76 -6.92 7.99
CA PHE E 92 -1.41 -7.01 7.47
C PHE E 92 -1.26 -8.25 6.58
N THR E 93 -0.82 -8.04 5.34
CA THR E 93 -0.58 -9.13 4.39
C THR E 93 0.87 -9.09 3.91
N SER E 94 1.70 -10.03 4.38
CA SER E 94 3.12 -10.09 4.04
C SER E 94 3.49 -11.38 3.31
N VAL E 95 4.03 -11.25 2.10
CA VAL E 95 4.46 -12.37 1.27
C VAL E 95 5.91 -12.21 0.83
N VAL E 96 6.74 -13.22 1.09
CA VAL E 96 8.11 -13.18 0.61
C VAL E 96 8.20 -13.59 -0.85
N PHE E 97 7.69 -14.77 -1.18
CA PHE E 97 7.58 -15.26 -2.56
C PHE E 97 6.13 -15.61 -2.85
N GLY E 98 5.58 -15.03 -3.89
CA GLY E 98 4.20 -15.27 -4.26
C GLY E 98 3.99 -16.64 -4.85
N GLY E 99 2.74 -16.88 -5.23
CA GLY E 99 2.37 -18.14 -5.82
C GLY E 99 2.82 -18.25 -7.27
N GLY E 100 2.96 -19.50 -7.71
CA GLY E 100 3.38 -19.75 -9.08
C GLY E 100 4.78 -19.22 -9.40
N THR E 101 5.71 -19.34 -8.46
CA THR E 101 7.08 -18.87 -8.63
C THR E 101 8.03 -20.06 -8.75
N LYS E 102 9.02 -19.94 -9.64
CA LYS E 102 10.00 -20.99 -9.86
C LYS E 102 11.39 -20.50 -9.49
N LEU E 103 11.99 -21.14 -8.50
CA LEU E 103 13.37 -20.89 -8.10
C LEU E 103 14.13 -22.15 -8.49
N THR E 104 15.02 -22.04 -9.47
CA THR E 104 15.84 -23.16 -9.94
C THR E 104 17.29 -22.74 -9.79
N VAL E 105 17.88 -23.08 -8.65
CA VAL E 105 19.28 -22.77 -8.37
C VAL E 105 20.06 -23.99 -8.86
N LEU E 106 20.71 -23.82 -10.02
CA LEU E 106 21.41 -24.89 -10.70
C LEU E 106 22.90 -24.55 -10.64
N GLY E 107 23.50 -24.93 -9.51
CA GLY E 107 24.87 -24.64 -9.16
C GLY E 107 25.82 -25.80 -9.39
N GLN E 108 26.65 -25.72 -10.43
CA GLN E 108 27.62 -26.77 -10.74
C GLN E 108 29.05 -26.27 -10.91
N PRO E 109 29.59 -25.60 -9.87
CA PRO E 109 30.99 -25.15 -9.83
C PRO E 109 32.05 -26.21 -10.07
N LYS E 110 33.17 -25.77 -10.64
CA LYS E 110 34.39 -26.57 -10.79
C LYS E 110 35.55 -25.73 -10.24
N ALA E 111 36.27 -26.22 -9.22
CA ALA E 111 37.34 -25.43 -8.59
C ALA E 111 38.50 -26.30 -8.10
N ALA E 112 39.68 -26.19 -8.75
CA ALA E 112 40.85 -27.00 -8.42
C ALA E 112 42.15 -26.21 -8.13
N PRO E 113 42.22 -25.45 -7.04
CA PRO E 113 43.45 -24.73 -6.70
C PRO E 113 44.49 -25.64 -6.04
N SER E 114 45.71 -25.11 -5.90
CA SER E 114 46.80 -25.84 -5.25
C SER E 114 47.82 -24.88 -4.66
N VAL E 115 48.53 -25.37 -3.62
CA VAL E 115 49.58 -24.60 -2.93
C VAL E 115 50.84 -25.46 -2.83
N THR E 116 51.94 -24.94 -3.37
CA THR E 116 53.26 -25.60 -3.39
C THR E 116 54.27 -24.83 -2.54
N LEU E 117 54.63 -25.38 -1.38
CA LEU E 117 55.57 -24.70 -0.49
C LEU E 117 56.62 -25.67 0.03
C1 NAG F . 13.56 6.76 12.15
C2 NAG F . 13.48 6.55 13.67
C3 NAG F . 14.89 6.29 14.20
C4 NAG F . 15.70 5.30 13.34
C5 NAG F . 15.52 5.55 11.85
C6 NAG F . 16.04 4.45 10.95
C7 NAG F . 11.64 7.81 14.72
C8 NAG F . 11.26 9.07 15.47
N2 NAG F . 12.92 7.68 14.37
O3 NAG F . 14.76 5.81 15.52
O4 NAG F . 17.04 5.50 13.72
O5 NAG F . 14.15 5.63 11.57
O6 NAG F . 15.55 4.69 9.65
O7 NAG F . 10.80 6.97 14.45
H1 NAG F . 14.12 7.54 11.97
H2 NAG F . 12.92 5.77 13.83
H3 NAG F . 15.36 7.13 14.20
H4 NAG F . 15.41 4.41 13.56
H5 NAG F . 15.98 6.37 11.60
H61 NAG F . 17.00 4.44 10.99
H62 NAG F . 15.71 3.61 11.31
H81 NAG F . 11.23 9.81 14.85
H82 NAG F . 10.38 8.97 15.85
H83 NAG F . 11.88 9.29 16.19
HN2 NAG F . 13.48 8.31 14.59
HO3 NAG F . 14.63 6.48 16.03
HO4 NAG F . 17.10 5.49 14.57
HO6 NAG F . 14.81 5.10 9.71
C1 NAG G . 14.39 10.96 9.74
C2 NAG G . 14.29 10.74 11.25
C3 NAG G . 15.70 10.48 11.80
C4 NAG G . 16.53 9.51 10.96
C5 NAG G . 16.36 9.75 9.46
C6 NAG G . 16.89 8.66 8.56
C7 NAG G . 12.43 11.99 12.29
C8 NAG G . 12.05 13.25 13.04
N2 NAG G . 13.73 11.87 11.95
O3 NAG G . 15.55 10.01 13.12
O4 NAG G . 17.87 9.71 11.34
O5 NAG G . 14.99 9.84 9.17
O6 NAG G . 16.43 8.89 7.26
O7 NAG G . 11.60 11.14 12.01
H1 NAG G . 14.94 11.73 9.57
H2 NAG G . 13.73 9.97 11.42
H3 NAG G . 16.17 11.33 11.80
H4 NAG G . 16.23 8.61 11.17
H5 NAG G . 16.82 10.57 9.21
H61 NAG G . 17.86 8.65 8.62
H62 NAG G . 16.58 7.81 8.92
H81 NAG G . 12.01 13.99 12.42
H82 NAG G . 11.16 13.14 13.41
H83 NAG G . 12.65 13.47 13.76
HN2 NAG G . 14.27 12.51 12.18
HO3 NAG G . 15.42 10.69 13.63
HO4 NAG G . 17.91 9.70 12.19
HO6 NAG G . 15.67 9.29 7.33
C1 NAG H . 12.78 2.51 14.53
C2 NAG H . 12.71 2.31 16.04
C3 NAG H . 14.13 2.03 16.56
C4 NAG H . 14.92 1.05 15.70
C5 NAG H . 14.73 1.29 14.19
C6 NAG H . 15.22 0.19 13.29
C7 NAG H . 10.89 3.57 17.12
C8 NAG H . 10.53 4.83 17.87
N2 NAG H . 12.18 3.43 16.75
O3 NAG H . 14.00 1.56 17.87
O4 NAG H . 16.28 1.22 16.05
O5 NAG H . 13.36 1.39 13.93
O6 NAG H . 14.72 0.44 11.99
O7 NAG H . 10.05 2.73 16.86
H1 NAG H . 13.34 3.28 14.34
H2 NAG H . 12.15 1.53 16.21
H3 NAG H . 14.61 2.87 16.54
H4 NAG H . 14.62 0.15 15.90
H5 NAG H . 15.19 2.10 13.94
H61 NAG H . 16.19 0.17 13.32
H62 NAG H . 14.91 -0.66 13.65
H81 NAG H . 10.49 5.58 17.26
H82 NAG H . 9.64 4.74 18.27
H83 NAG H . 11.16 5.05 18.58
HN2 NAG H . 12.73 4.06 16.96
HO3 NAG H . 13.89 2.23 18.38
HO4 NAG H . 16.34 1.22 16.89
HO6 NAG H . 13.99 0.84 12.07
C1 NAG I . 15.23 15.13 7.35
C2 NAG I . 15.13 14.92 8.86
C3 NAG I . 16.52 14.67 9.42
C4 NAG I . 17.36 13.70 8.58
C5 NAG I . 17.20 13.94 7.08
C6 NAG I . 17.75 12.85 6.19
C7 NAG I . 13.24 16.16 9.88
C8 NAG I . 12.85 17.42 10.62
N2 NAG I . 14.54 16.05 9.55
O3 NAG I . 16.36 14.19 10.73
O4 NAG I . 18.69 13.90 8.98
O5 NAG I . 15.85 14.02 6.77
O6 NAG I . 17.29 13.09 4.89
O7 NAG I . 12.42 15.31 9.59
H1 NAG I . 15.79 15.92 7.18
H2 NAG I . 14.56 14.15 9.02
H3 NAG I . 16.98 15.52 9.43
H4 NAG I . 17.07 12.80 8.78
H5 NAG I . 17.66 14.76 6.84
H61 NAG I . 18.72 12.85 6.25
H62 NAG I . 17.43 12.00 6.54
H81 NAG I . 12.81 18.16 10.01
H82 NAG I . 11.95 17.31 10.99
H83 NAG I . 13.44 17.65 11.35
HN2 NAG I . 15.08 16.69 9.79
HO3 NAG I . 16.23 14.86 11.24
HO4 NAG I . 18.74 13.90 9.83
HO6 NAG I . 16.54 13.49 4.94
C1 NAG J . 11.95 -1.70 16.98
C2 NAG J . 11.90 -1.91 18.49
C3 NAG J . 13.31 -2.20 19.00
C4 NAG J . 14.10 -3.18 18.12
C5 NAG J . 13.89 -2.94 16.63
C6 NAG J . 14.37 -4.03 15.72
C7 NAG J . 10.09 -0.63 19.59
C8 NAG J . 9.75 0.63 20.34
N2 NAG J . 11.38 -0.77 19.21
O3 NAG J . 13.20 -2.67 20.31
O4 NAG J . 15.46 -3.02 18.47
O5 NAG J . 12.52 -2.83 16.38
O6 NAG J . 13.87 -3.79 14.43
O7 NAG J . 9.24 -1.47 19.33
H1 NAG J . 12.51 -0.94 16.79
H2 NAG J . 11.33 -2.68 18.67
H3 NAG J . 13.80 -1.35 18.99
H4 NAG J . 13.79 -4.08 18.34
H5 NAG J . 14.36 -2.13 16.37
H61 NAG J . 15.34 -4.06 15.74
H62 NAG J . 14.05 -4.88 16.08
H81 NAG J . 9.71 1.37 19.73
H82 NAG J . 8.87 0.54 20.75
H83 NAG J . 10.39 0.84 21.05
HN2 NAG J . 11.94 -0.15 19.42
HO3 NAG J . 13.09 -2.00 20.82
HO4 NAG J . 15.52 -3.01 19.32
HO6 NAG J . 13.14 -3.38 14.52
#